data_9FHA
#
_entry.id   9FHA
#
_cell.length_a   43.320
_cell.length_b   84.740
_cell.length_c   63.770
_cell.angle_alpha   90.00
_cell.angle_beta   90.00
_cell.angle_gamma   90.00
#
_symmetry.space_group_name_H-M   'P 21 21 2'
#
loop_
_entity.id
_entity.type
_entity.pdbx_description
1 polymer Transthyretin
2 non-polymer '2-[(~{E})-[2-(trifluoromethyl)phenyl]methoxyiminomethyl]benzoic acid'
3 water water
#
_entity_poly.entity_id   1
_entity_poly.type   'polypeptide(L)'
_entity_poly.pdbx_seq_one_letter_code
;GPTGTGESKCPLMVKVLDAVRGSPAINVAVHVFRKAADDTWEPFASGKTSESGELHGLTTEEEFVEGIYKVEIDTKSYWK
ALGISPFHEHAEVVFTANDSGPRRYTIAALLSPYSYSTTAVVTNPKE
;
_entity_poly.pdbx_strand_id   A,B
#
loop_
_chem_comp.id
_chem_comp.type
_chem_comp.name
_chem_comp.formula
A1IC9 non-polymer '2-[(~{E})-[2-(trifluoromethyl)phenyl]methoxyiminomethyl]benzoic acid' 'C16 H12 F3 N O3'
#
# COMPACT_ATOMS: atom_id res chain seq x y z
N CYS A 10 -4.38 -6.41 23.35
CA CYS A 10 -4.71 -6.24 21.94
C CYS A 10 -3.48 -5.81 21.17
N PRO A 11 -2.85 -6.75 20.46
CA PRO A 11 -1.58 -6.46 19.79
C PRO A 11 -1.69 -5.90 18.38
N LEU A 12 -2.87 -5.95 17.76
CA LEU A 12 -3.03 -5.45 16.39
C LEU A 12 -4.34 -4.72 16.28
N MET A 13 -4.31 -3.40 16.05
CA MET A 13 -5.52 -2.60 15.87
C MET A 13 -5.40 -1.85 14.55
N VAL A 14 -6.55 -1.53 13.97
CA VAL A 14 -6.61 -0.79 12.70
C VAL A 14 -7.56 0.38 12.89
N LYS A 15 -7.15 1.58 12.42
CA LYS A 15 -7.98 2.77 12.54
C LYS A 15 -8.04 3.43 11.16
N VAL A 16 -9.25 3.78 10.69
CA VAL A 16 -9.40 4.26 9.33
C VAL A 16 -10.22 5.54 9.37
N LEU A 17 -9.71 6.58 8.70
CA LEU A 17 -10.34 7.91 8.67
C LEU A 17 -10.69 8.27 7.22
N ASP A 18 -11.75 9.07 7.06
CA ASP A 18 -12.23 9.56 5.77
C ASP A 18 -11.88 11.04 5.64
N ALA A 19 -11.01 11.37 4.66
CA ALA A 19 -10.49 12.71 4.52
C ALA A 19 -11.43 13.62 3.74
N VAL A 20 -12.47 13.04 3.14
CA VAL A 20 -13.46 13.81 2.40
C VAL A 20 -14.57 14.28 3.32
N ARG A 21 -15.03 13.40 4.21
CA ARG A 21 -16.11 13.76 5.11
C ARG A 21 -15.63 14.24 6.47
N GLY A 22 -14.35 14.09 6.79
CA GLY A 22 -13.90 14.44 8.13
C GLY A 22 -14.47 13.56 9.21
N SER A 23 -14.47 12.24 9.01
CA SER A 23 -15.11 11.35 9.97
C SER A 23 -14.34 10.05 10.00
N PRO A 24 -14.55 9.23 11.03
CA PRO A 24 -14.09 7.84 10.94
C PRO A 24 -14.71 7.20 9.72
N ALA A 25 -13.99 6.24 9.15
CA ALA A 25 -14.49 5.46 8.02
C ALA A 25 -15.14 4.23 8.62
N ILE A 26 -16.47 4.19 8.60
CA ILE A 26 -17.25 3.22 9.34
C ILE A 26 -17.59 2.05 8.43
N ASN A 27 -17.54 0.84 8.99
CA ASN A 27 -17.97 -0.37 8.26
C ASN A 27 -17.06 -0.71 7.09
N VAL A 28 -15.78 -0.40 7.22
CA VAL A 28 -14.78 -0.76 6.22
C VAL A 28 -14.29 -2.17 6.51
N ALA A 29 -14.29 -3.02 5.50
CA ALA A 29 -13.76 -4.38 5.66
C ALA A 29 -12.25 -4.33 5.70
N VAL A 30 -11.67 -5.12 6.59
CA VAL A 30 -10.23 -5.24 6.77
C VAL A 30 -9.89 -6.73 6.81
N HIS A 31 -8.90 -7.16 6.01
CA HIS A 31 -8.43 -8.55 6.01
C HIS A 31 -6.94 -8.58 6.33
N VAL A 32 -6.55 -9.46 7.24
CA VAL A 32 -5.14 -9.63 7.61
C VAL A 32 -4.69 -11.00 7.12
N PHE A 33 -3.53 -11.04 6.44
CA PHE A 33 -2.92 -12.27 5.99
C PHE A 33 -1.54 -12.40 6.60
N ARG A 34 -1.07 -13.65 6.72
CA ARG A 34 0.28 -13.93 7.17
C ARG A 34 1.01 -14.78 6.15
N LYS A 35 2.27 -14.45 5.87
CA LYS A 35 3.03 -15.19 4.88
CA LYS A 35 3.02 -15.19 4.88
C LYS A 35 3.40 -16.55 5.44
N ALA A 36 3.01 -17.61 4.74
CA ALA A 36 3.24 -18.98 5.18
C ALA A 36 4.61 -19.48 4.73
N ALA A 37 4.96 -20.69 5.21
CA ALA A 37 6.27 -21.26 4.92
C ALA A 37 6.55 -21.32 3.42
N ASP A 38 5.53 -21.60 2.62
CA ASP A 38 5.68 -21.82 1.19
C ASP A 38 5.46 -20.56 0.36
N ASP A 39 5.66 -19.38 0.95
CA ASP A 39 5.59 -18.10 0.25
C ASP A 39 4.18 -17.73 -0.19
N THR A 40 3.17 -18.37 0.38
CA THR A 40 1.78 -18.04 0.10
C THR A 40 1.21 -17.19 1.23
N TRP A 41 0.19 -16.40 0.90
CA TRP A 41 -0.46 -15.52 1.87
C TRP A 41 -1.60 -16.28 2.54
N GLU A 42 -1.46 -16.51 3.84
CA GLU A 42 -2.58 -17.25 4.40
C GLU A 42 -3.48 -16.35 5.24
N PRO A 43 -4.80 -16.58 5.17
CA PRO A 43 -5.73 -15.78 5.97
C PRO A 43 -5.41 -15.86 7.46
N PHE A 44 -5.49 -14.72 8.13
CA PHE A 44 -5.13 -14.61 9.54
C PHE A 44 -6.26 -14.06 10.39
N ALA A 45 -6.92 -12.99 9.95
CA ALA A 45 -8.06 -12.46 10.69
C ALA A 45 -8.76 -11.45 9.79
N SER A 46 -9.99 -11.10 10.14
CA SER A 46 -10.68 -10.06 9.41
C SER A 46 -11.78 -9.45 10.29
N GLY A 47 -12.28 -8.31 9.83
CA GLY A 47 -13.34 -7.65 10.56
C GLY A 47 -13.76 -6.39 9.84
N LYS A 48 -14.66 -5.63 10.48
CA LYS A 48 -15.13 -4.34 9.97
C LYS A 48 -14.89 -3.25 11.00
N THR A 49 -14.60 -2.04 10.52
CA THR A 49 -14.37 -0.95 11.45
C THR A 49 -15.68 -0.54 12.12
N SER A 50 -15.56 -0.04 13.32
CA SER A 50 -16.69 0.35 14.15
C SER A 50 -17.14 1.77 13.80
N GLU A 51 -18.13 2.29 14.56
CA GLU A 51 -18.56 3.68 14.39
C GLU A 51 -17.44 4.65 14.70
N SER A 52 -16.41 4.22 15.41
CA SER A 52 -15.25 5.05 15.67
C SER A 52 -14.16 4.88 14.63
N GLY A 53 -14.38 4.07 13.61
CA GLY A 53 -13.37 3.82 12.59
C GLY A 53 -12.30 2.86 13.03
N GLU A 54 -12.51 2.18 14.15
CA GLU A 54 -11.50 1.30 14.75
C GLU A 54 -11.92 -0.16 14.65
N LEU A 55 -10.91 -1.03 14.59
CA LEU A 55 -11.10 -2.47 14.53
C LEU A 55 -10.14 -3.06 15.54
N HIS A 56 -10.70 -3.66 16.59
CA HIS A 56 -9.95 -4.29 17.68
C HIS A 56 -10.28 -5.78 17.70
N GLY A 57 -9.52 -6.51 18.52
CA GLY A 57 -9.86 -7.91 18.73
C GLY A 57 -9.56 -8.82 17.56
N LEU A 58 -8.65 -8.41 16.67
CA LEU A 58 -8.31 -9.26 15.54
C LEU A 58 -7.54 -10.51 15.94
N THR A 59 -6.67 -10.41 16.93
CA THR A 59 -5.83 -11.56 17.27
C THR A 59 -5.47 -11.47 18.75
N THR A 60 -4.71 -12.47 19.21
CA THR A 60 -4.23 -12.57 20.57
C THR A 60 -2.71 -12.51 20.55
N GLU A 61 -2.14 -12.16 21.70
N GLU A 61 -2.15 -12.16 21.70
CA GLU A 61 -0.68 -12.17 21.81
CA GLU A 61 -0.69 -12.16 21.83
C GLU A 61 -0.11 -13.54 21.44
C GLU A 61 -0.10 -13.53 21.47
N GLU A 62 -0.79 -14.61 21.85
CA GLU A 62 -0.27 -15.95 21.58
C GLU A 62 -0.27 -16.27 20.09
N GLU A 63 -1.30 -15.86 19.36
N GLU A 63 -1.32 -15.85 19.38
CA GLU A 63 -1.36 -16.21 17.96
CA GLU A 63 -1.47 -16.13 17.96
C GLU A 63 -0.60 -15.25 17.06
C GLU A 63 -0.58 -15.26 17.09
N PHE A 64 -0.30 -14.03 17.54
CA PHE A 64 0.38 -13.01 16.74
C PHE A 64 1.89 -13.19 16.83
N VAL A 65 2.39 -14.21 16.12
CA VAL A 65 3.82 -14.55 16.20
C VAL A 65 4.62 -13.71 15.21
N GLU A 66 5.95 -13.81 15.30
CA GLU A 66 6.83 -13.22 14.27
C GLU A 66 6.41 -13.69 12.89
N GLY A 67 6.48 -12.77 11.92
CA GLY A 67 6.09 -13.11 10.56
C GLY A 67 5.98 -11.86 9.71
N ILE A 68 5.68 -12.09 8.44
CA ILE A 68 5.34 -11.02 7.51
C ILE A 68 3.84 -11.00 7.37
N TYR A 69 3.24 -9.84 7.65
CA TYR A 69 1.79 -9.69 7.66
C TYR A 69 1.37 -8.72 6.58
N LYS A 70 0.14 -8.89 6.10
CA LYS A 70 -0.43 -7.94 5.16
C LYS A 70 -1.80 -7.55 5.68
N VAL A 71 -2.05 -6.25 5.79
CA VAL A 71 -3.35 -5.71 6.19
C VAL A 71 -3.95 -5.07 4.96
N GLU A 72 -5.06 -5.63 4.46
N GLU A 72 -5.03 -5.67 4.44
CA GLU A 72 -5.73 -5.11 3.26
CA GLU A 72 -5.77 -5.15 3.30
C GLU A 72 -7.02 -4.43 3.69
C GLU A 72 -6.98 -4.39 3.81
N ILE A 73 -7.14 -3.15 3.36
CA ILE A 73 -8.29 -2.33 3.73
C ILE A 73 -9.13 -2.15 2.47
N ASP A 74 -10.39 -2.56 2.52
CA ASP A 74 -11.23 -2.63 1.32
C ASP A 74 -11.81 -1.24 1.05
N THR A 75 -10.94 -0.38 0.52
CA THR A 75 -11.33 1.02 0.32
C THR A 75 -12.30 1.18 -0.84
N LYS A 76 -12.19 0.32 -1.87
CA LYS A 76 -13.05 0.49 -3.04
C LYS A 76 -14.51 0.33 -2.66
N SER A 77 -14.85 -0.75 -1.95
CA SER A 77 -16.21 -0.96 -1.50
C SER A 77 -16.71 0.21 -0.65
N TYR A 78 -15.84 0.77 0.20
CA TYR A 78 -16.23 1.92 1.00
C TYR A 78 -16.60 3.12 0.13
N TRP A 79 -15.75 3.49 -0.82
CA TRP A 79 -16.03 4.67 -1.63
C TRP A 79 -17.25 4.45 -2.50
N LYS A 80 -17.40 3.23 -3.02
CA LYS A 80 -18.55 2.92 -3.87
C LYS A 80 -19.86 3.11 -3.12
N ALA A 81 -19.91 2.65 -1.86
CA ALA A 81 -21.12 2.81 -1.07
C ALA A 81 -21.46 4.28 -0.81
N LEU A 82 -20.51 5.18 -1.05
CA LEU A 82 -20.77 6.61 -1.00
C LEU A 82 -20.99 7.23 -2.37
N GLY A 83 -21.04 6.42 -3.43
N GLY A 83 -21.04 6.42 -3.43
CA GLY A 83 -21.26 6.94 -4.76
CA GLY A 83 -21.26 6.94 -4.76
C GLY A 83 -20.03 7.45 -5.47
C GLY A 83 -20.03 7.45 -5.47
N ILE A 84 -18.84 7.17 -4.95
CA ILE A 84 -17.59 7.62 -5.53
C ILE A 84 -16.90 6.42 -6.17
N SER A 85 -16.46 6.58 -7.41
CA SER A 85 -15.63 5.58 -8.09
C SER A 85 -14.17 5.92 -7.83
N PRO A 86 -13.50 5.22 -6.91
CA PRO A 86 -12.16 5.60 -6.49
C PRO A 86 -11.09 4.98 -7.37
N PHE A 87 -9.85 5.40 -7.13
CA PHE A 87 -8.72 4.92 -7.93
C PHE A 87 -8.26 3.54 -7.48
N HIS A 88 -8.05 3.36 -6.18
CA HIS A 88 -7.41 2.13 -5.71
C HIS A 88 -8.42 1.00 -5.51
N GLU A 89 -7.95 -0.24 -5.72
CA GLU A 89 -8.78 -1.39 -5.40
C GLU A 89 -8.88 -1.59 -3.89
N HIS A 90 -7.81 -1.28 -3.18
CA HIS A 90 -7.79 -1.33 -1.74
C HIS A 90 -6.48 -0.69 -1.31
N ALA A 91 -6.33 -0.52 0.00
CA ALA A 91 -5.07 -0.08 0.58
C ALA A 91 -4.43 -1.28 1.26
N GLU A 92 -3.18 -1.55 0.88
CA GLU A 92 -2.46 -2.72 1.45
C GLU A 92 -1.28 -2.21 2.29
N VAL A 93 -1.02 -2.87 3.41
CA VAL A 93 0.08 -2.51 4.30
C VAL A 93 0.79 -3.83 4.61
N VAL A 94 2.05 -3.96 4.21
CA VAL A 94 2.80 -5.19 4.39
C VAL A 94 4.01 -4.92 5.27
N PHE A 95 4.18 -5.71 6.33
CA PHE A 95 5.24 -5.43 7.30
C PHE A 95 5.66 -6.71 7.98
N THR A 96 6.89 -6.70 8.53
CA THR A 96 7.34 -7.73 9.45
C THR A 96 6.95 -7.33 10.87
N ALA A 97 6.41 -8.27 11.63
CA ALA A 97 5.96 -8.02 12.99
C ALA A 97 6.74 -8.85 13.98
N ASN A 98 6.90 -8.29 15.19
CA ASN A 98 7.49 -8.96 16.35
C ASN A 98 8.90 -9.50 16.08
N ASP A 99 9.57 -9.00 15.05
CA ASP A 99 10.93 -9.46 14.76
C ASP A 99 11.89 -9.10 15.88
N SER A 100 11.60 -8.03 16.62
CA SER A 100 12.40 -7.62 17.78
C SER A 100 11.69 -7.92 19.09
N GLY A 101 10.84 -8.95 19.11
CA GLY A 101 10.04 -9.24 20.28
C GLY A 101 8.62 -8.70 20.14
N PRO A 102 7.73 -9.15 21.02
CA PRO A 102 6.31 -8.77 20.88
C PRO A 102 6.09 -7.28 21.11
N ARG A 103 5.21 -6.71 20.29
CA ARG A 103 4.85 -5.29 20.37
C ARG A 103 3.35 -5.17 20.13
N ARG A 104 2.87 -3.94 20.29
CA ARG A 104 1.46 -3.60 20.01
C ARG A 104 1.47 -2.71 18.76
N TYR A 105 0.75 -3.10 17.72
CA TYR A 105 0.78 -2.38 16.45
C TYR A 105 -0.58 -1.72 16.22
N THR A 106 -0.57 -0.46 15.83
CA THR A 106 -1.76 0.18 15.31
C THR A 106 -1.46 0.60 13.88
N ILE A 107 -2.30 0.16 12.96
CA ILE A 107 -2.17 0.54 11.54
C ILE A 107 -3.25 1.57 11.30
N ALA A 108 -2.85 2.79 10.95
CA ALA A 108 -3.82 3.87 10.72
C ALA A 108 -3.81 4.21 9.25
N ALA A 109 -4.98 4.50 8.70
CA ALA A 109 -5.05 4.87 7.29
C ALA A 109 -6.00 6.04 7.16
N LEU A 110 -5.63 6.97 6.27
CA LEU A 110 -6.44 8.14 5.94
C LEU A 110 -6.79 8.05 4.46
N LEU A 111 -8.09 8.06 4.14
CA LEU A 111 -8.57 7.70 2.82
C LEU A 111 -9.15 8.90 2.06
N SER A 112 -8.77 9.02 0.79
CA SER A 112 -9.43 9.89 -0.18
C SER A 112 -9.64 9.10 -1.45
N PRO A 113 -10.51 9.57 -2.35
CA PRO A 113 -10.81 8.75 -3.54
C PRO A 113 -9.59 8.41 -4.39
N TYR A 114 -8.65 9.34 -4.57
CA TYR A 114 -7.47 9.09 -5.40
C TYR A 114 -6.18 9.07 -4.59
N SER A 115 -6.28 8.93 -3.27
CA SER A 115 -5.06 8.98 -2.46
C SER A 115 -5.31 8.29 -1.14
N TYR A 116 -4.25 7.72 -0.56
CA TYR A 116 -4.37 7.35 0.85
C TYR A 116 -3.01 7.42 1.50
N SER A 117 -3.01 7.51 2.81
CA SER A 117 -1.77 7.48 3.56
C SER A 117 -1.92 6.49 4.67
N THR A 118 -0.81 5.89 5.07
CA THR A 118 -0.90 4.95 6.17
C THR A 118 0.31 5.14 7.05
N THR A 119 0.14 4.87 8.34
N THR A 119 0.12 4.84 8.32
CA THR A 119 1.26 4.95 9.27
CA THR A 119 1.16 4.95 9.32
C THR A 119 1.05 3.91 10.35
C THR A 119 1.10 3.69 10.17
N ALA A 120 2.17 3.45 10.90
CA ALA A 120 2.16 2.43 11.94
C ALA A 120 2.61 3.08 13.22
N VAL A 121 1.88 2.84 14.31
CA VAL A 121 2.27 3.25 15.65
C VAL A 121 2.61 1.96 16.39
N VAL A 122 3.83 1.87 16.90
CA VAL A 122 4.32 0.62 17.48
C VAL A 122 4.77 0.91 18.89
N THR A 123 4.16 0.26 19.87
CA THR A 123 4.43 0.51 21.27
C THR A 123 4.74 -0.80 21.97
N ASN A 124 5.55 -0.71 23.03
CA ASN A 124 5.93 -1.89 23.79
C ASN A 124 5.08 -1.96 25.04
N PRO A 125 4.31 -3.04 25.26
CA PRO A 125 3.47 -3.19 26.45
C PRO A 125 4.29 -3.22 27.74
N CYS B 10 3.80 8.44 -22.98
CA CYS B 10 4.09 7.74 -21.73
C CYS B 10 2.84 7.70 -20.85
N PRO B 11 2.20 6.54 -20.77
CA PRO B 11 0.92 6.44 -20.06
C PRO B 11 1.02 6.09 -18.59
N LEU B 12 2.19 5.71 -18.09
CA LEU B 12 2.31 5.32 -16.69
C LEU B 12 3.66 5.80 -16.19
N MET B 13 3.63 6.70 -15.22
CA MET B 13 4.84 7.25 -14.61
CA MET B 13 4.84 7.24 -14.61
C MET B 13 4.76 7.04 -13.11
N VAL B 14 5.92 6.97 -12.47
CA VAL B 14 6.00 6.77 -11.03
C VAL B 14 6.96 7.80 -10.49
N LYS B 15 6.58 8.47 -9.41
CA LYS B 15 7.40 9.49 -8.77
C LYS B 15 7.47 9.19 -7.29
N VAL B 16 8.69 9.13 -6.74
CA VAL B 16 8.88 8.74 -5.34
C VAL B 16 9.67 9.83 -4.63
N LEU B 17 9.16 10.28 -3.47
CA LEU B 17 9.78 11.34 -2.67
C LEU B 17 10.13 10.80 -1.29
N ASP B 18 11.15 11.41 -0.68
CA ASP B 18 11.66 11.03 0.62
C ASP B 18 11.32 12.15 1.61
N ALA B 19 10.44 11.85 2.57
CA ALA B 19 9.91 12.83 3.49
C ALA B 19 10.87 13.14 4.63
N VAL B 20 11.91 12.30 4.79
CA VAL B 20 12.89 12.54 5.83
C VAL B 20 13.95 13.50 5.36
N ARG B 21 14.44 13.32 4.14
CA ARG B 21 15.51 14.14 3.57
C ARG B 21 15.00 15.27 2.69
N GLY B 22 13.72 15.31 2.36
CA GLY B 22 13.16 16.35 1.53
C GLY B 22 13.76 16.33 0.14
N SER B 23 13.80 15.15 -0.44
CA SER B 23 14.48 14.96 -1.71
C SER B 23 13.77 13.88 -2.50
N PRO B 24 14.01 13.79 -3.79
CA PRO B 24 13.55 12.63 -4.55
C PRO B 24 14.18 11.38 -3.96
N ALA B 25 13.43 10.28 -4.01
CA ALA B 25 13.92 8.99 -3.56
C ALA B 25 14.58 8.33 -4.76
N ILE B 26 15.92 8.26 -4.74
N ILE B 26 15.91 8.31 -4.78
CA ILE B 26 16.70 7.88 -5.90
CA ILE B 26 16.65 7.89 -5.96
C ILE B 26 17.08 6.40 -5.80
C ILE B 26 17.05 6.43 -5.81
N ASN B 27 17.07 5.72 -6.94
CA ASN B 27 17.51 4.33 -7.05
CA ASN B 27 17.53 4.33 -7.00
C ASN B 27 16.60 3.39 -6.27
N VAL B 28 15.31 3.70 -6.23
CA VAL B 28 14.31 2.84 -5.60
C VAL B 28 13.81 1.86 -6.65
N ALA B 29 13.80 0.57 -6.33
CA ALA B 29 13.27 -0.39 -7.28
C ALA B 29 11.75 -0.35 -7.28
N VAL B 30 11.18 -0.42 -8.49
CA VAL B 30 9.75 -0.35 -8.70
C VAL B 30 9.36 -1.52 -9.59
N HIS B 31 8.39 -2.32 -9.16
CA HIS B 31 7.88 -3.41 -10.00
C HIS B 31 6.40 -3.17 -10.27
N VAL B 32 5.98 -3.44 -11.51
CA VAL B 32 4.58 -3.32 -11.89
C VAL B 32 4.08 -4.69 -12.32
N PHE B 33 2.88 -5.03 -11.88
CA PHE B 33 2.25 -6.30 -12.18
C PHE B 33 0.87 -6.01 -12.75
N ARG B 34 0.36 -6.96 -13.53
CA ARG B 34 -1.01 -6.89 -14.02
CA ARG B 34 -1.00 -6.91 -14.04
C ARG B 34 -1.73 -8.18 -13.68
N LYS B 35 -2.98 -8.04 -13.25
CA LYS B 35 -3.79 -9.19 -12.86
C LYS B 35 -4.20 -9.96 -14.10
N ALA B 36 -3.87 -11.24 -14.14
CA ALA B 36 -4.35 -12.07 -15.24
C ALA B 36 -5.74 -12.60 -14.92
N ALA B 37 -6.41 -13.12 -15.96
CA ALA B 37 -7.76 -13.65 -15.79
C ALA B 37 -7.81 -14.77 -14.75
N ASP B 38 -6.68 -15.42 -14.46
CA ASP B 38 -6.61 -16.47 -13.45
C ASP B 38 -6.23 -15.96 -12.07
N ASP B 39 -6.45 -14.67 -11.81
CA ASP B 39 -6.22 -14.08 -10.49
C ASP B 39 -4.80 -14.36 -9.99
N THR B 40 -3.81 -14.01 -10.83
CA THR B 40 -2.41 -14.09 -10.46
C THR B 40 -1.69 -12.86 -10.99
N TRP B 41 -0.66 -12.44 -10.25
CA TRP B 41 0.08 -11.23 -10.58
C TRP B 41 1.16 -11.57 -11.60
N GLU B 42 1.00 -11.08 -12.83
N GLU B 42 1.00 -11.08 -12.83
CA GLU B 42 2.00 -11.30 -13.86
CA GLU B 42 2.02 -11.32 -13.83
C GLU B 42 2.94 -10.10 -13.93
C GLU B 42 2.94 -10.11 -13.93
N PRO B 43 4.25 -10.31 -13.90
CA PRO B 43 5.17 -9.18 -14.05
C PRO B 43 4.92 -8.44 -15.35
N PHE B 44 5.00 -7.12 -15.28
CA PHE B 44 4.60 -6.28 -16.40
C PHE B 44 5.71 -5.32 -16.78
N ALA B 45 6.29 -4.64 -15.80
CA ALA B 45 7.40 -3.72 -16.05
C ALA B 45 8.09 -3.44 -14.73
N SER B 46 9.32 -2.94 -14.79
CA SER B 46 10.03 -2.52 -13.59
C SER B 46 11.22 -1.65 -13.98
N GLY B 47 11.82 -1.05 -12.97
CA GLY B 47 12.97 -0.19 -13.16
C GLY B 47 13.39 0.40 -11.83
N LYS B 48 14.34 1.32 -11.87
CA LYS B 48 14.77 2.02 -10.67
C LYS B 48 14.54 3.52 -10.88
N THR B 49 14.18 4.23 -9.81
CA THR B 49 13.91 5.65 -9.97
C THR B 49 15.21 6.40 -10.29
N SER B 50 15.06 7.45 -11.10
CA SER B 50 16.18 8.29 -11.52
C SER B 50 16.58 9.25 -10.40
N GLU B 51 17.56 10.10 -10.72
CA GLU B 51 17.98 11.12 -9.75
CA GLU B 51 17.99 11.13 -9.77
C GLU B 51 16.89 12.12 -9.43
N SER B 52 15.84 12.19 -10.27
CA SER B 52 14.70 13.04 -10.01
C SER B 52 13.58 12.30 -9.28
N GLY B 53 13.85 11.08 -8.85
CA GLY B 53 12.86 10.26 -8.18
C GLY B 53 11.82 9.68 -9.09
N GLU B 54 12.04 9.76 -10.40
CA GLU B 54 11.02 9.42 -11.39
C GLU B 54 11.37 8.15 -12.15
N LEU B 55 10.33 7.48 -12.62
CA LEU B 55 10.52 6.30 -13.47
C LEU B 55 9.56 6.43 -14.63
N HIS B 56 10.11 6.57 -15.84
CA HIS B 56 9.35 6.73 -17.08
C HIS B 56 9.58 5.54 -17.99
N GLY B 57 8.81 5.48 -19.08
CA GLY B 57 9.03 4.44 -20.06
C GLY B 57 8.77 3.03 -19.59
N LEU B 58 7.86 2.86 -18.63
CA LEU B 58 7.53 1.52 -18.14
C LEU B 58 6.77 0.74 -19.19
N THR B 59 5.90 1.40 -19.94
CA THR B 59 5.02 0.74 -20.88
C THR B 59 4.68 1.69 -22.02
N THR B 60 3.92 1.18 -22.99
CA THR B 60 3.44 1.97 -24.11
C THR B 60 1.91 2.01 -24.08
N GLU B 61 1.35 2.92 -24.88
CA GLU B 61 -0.10 3.05 -24.93
C GLU B 61 -0.77 1.76 -25.42
N GLU B 62 -0.13 1.04 -26.34
CA GLU B 62 -0.84 -0.13 -26.84
C GLU B 62 -0.79 -1.29 -25.86
N GLU B 63 0.28 -1.39 -25.07
CA GLU B 63 0.39 -2.46 -24.08
C GLU B 63 -0.40 -2.17 -22.81
N PHE B 64 -0.64 -0.90 -22.49
CA PHE B 64 -1.26 -0.51 -21.22
C PHE B 64 -2.77 -0.51 -21.42
N VAL B 65 -3.35 -1.69 -21.33
CA VAL B 65 -4.78 -1.86 -21.53
C VAL B 65 -5.50 -1.78 -20.19
N GLU B 66 -6.83 -1.67 -20.27
CA GLU B 66 -7.65 -1.79 -19.07
C GLU B 66 -7.33 -3.08 -18.33
N GLY B 67 -7.37 -3.01 -17.01
CA GLY B 67 -7.06 -4.16 -16.19
C GLY B 67 -6.80 -3.68 -14.78
N ILE B 68 -6.38 -4.62 -13.93
CA ILE B 68 -6.03 -4.31 -12.55
C ILE B 68 -4.52 -4.40 -12.44
N TYR B 69 -3.89 -3.31 -11.98
CA TYR B 69 -2.45 -3.17 -11.95
C TYR B 69 -1.98 -3.05 -10.51
N LYS B 70 -0.74 -3.46 -10.26
CA LYS B 70 -0.13 -3.28 -8.95
C LYS B 70 1.25 -2.69 -9.14
N VAL B 71 1.52 -1.58 -8.44
CA VAL B 71 2.81 -0.91 -8.46
C VAL B 71 3.45 -1.16 -7.10
N GLU B 72 4.58 -1.88 -7.08
CA GLU B 72 5.26 -2.22 -5.83
C GLU B 72 6.54 -1.42 -5.74
N ILE B 73 6.72 -0.71 -4.64
CA ILE B 73 7.87 0.15 -4.44
C ILE B 73 8.69 -0.44 -3.30
N ASP B 74 9.95 -0.77 -3.56
N ASP B 74 9.96 -0.76 -3.58
CA ASP B 74 10.71 -1.53 -2.58
CA ASP B 74 10.80 -1.47 -2.61
C ASP B 74 11.32 -0.54 -1.59
C ASP B 74 11.33 -0.46 -1.60
N THR B 75 10.46 -0.08 -0.66
CA THR B 75 10.89 0.95 0.29
C THR B 75 11.85 0.43 1.34
N LYS B 76 11.75 -0.85 1.69
CA LYS B 76 12.59 -1.35 2.78
C LYS B 76 14.06 -1.23 2.44
N SER B 77 14.44 -1.65 1.24
N SER B 77 14.44 -1.66 1.23
CA SER B 77 15.83 -1.56 0.81
CA SER B 77 15.84 -1.56 0.80
C SER B 77 16.30 -0.11 0.75
C SER B 77 16.29 -0.11 0.74
N TYR B 78 15.39 0.81 0.42
CA TYR B 78 15.76 2.22 0.39
C TYR B 78 16.15 2.71 1.78
N TRP B 79 15.29 2.47 2.77
CA TRP B 79 15.59 2.96 4.12
C TRP B 79 16.79 2.25 4.71
N LYS B 80 16.97 0.97 4.40
CA LYS B 80 18.13 0.23 4.90
C LYS B 80 19.43 0.82 4.36
N ALA B 81 19.44 1.17 3.08
CA ALA B 81 20.64 1.76 2.49
C ALA B 81 20.99 3.08 3.17
N LEU B 82 20.00 3.76 3.76
CA LEU B 82 20.24 4.98 4.50
C LEU B 82 20.45 4.74 5.99
N GLY B 83 20.47 3.49 6.42
CA GLY B 83 20.68 3.17 7.83
C GLY B 83 19.50 3.51 8.71
N ILE B 84 18.28 3.34 8.21
CA ILE B 84 17.07 3.69 8.94
C ILE B 84 16.20 2.46 9.03
N SER B 85 15.75 2.13 10.24
CA SER B 85 14.92 0.96 10.43
C SER B 85 13.52 1.29 9.93
N PRO B 86 13.00 0.57 8.91
CA PRO B 86 11.68 0.90 8.37
C PRO B 86 10.62 -0.08 8.84
N PHE B 87 9.36 0.30 8.68
CA PHE B 87 8.29 -0.58 9.10
C PHE B 87 7.81 -1.49 7.97
N HIS B 88 7.55 -0.90 6.81
CA HIS B 88 6.92 -1.65 5.73
C HIS B 88 7.93 -2.49 4.96
N GLU B 89 7.44 -3.60 4.41
CA GLU B 89 8.26 -4.40 3.50
C GLU B 89 8.41 -3.69 2.17
N HIS B 90 7.35 -3.04 1.73
CA HIS B 90 7.31 -2.26 0.49
C HIS B 90 6.01 -1.47 0.53
N ALA B 91 5.88 -0.53 -0.41
CA ALA B 91 4.64 0.19 -0.62
C ALA B 91 3.98 -0.37 -1.86
N GLU B 92 2.70 -0.70 -1.73
CA GLU B 92 1.93 -1.30 -2.84
C GLU B 92 0.79 -0.37 -3.22
N VAL B 93 0.47 -0.31 -4.51
CA VAL B 93 -0.59 0.56 -5.01
C VAL B 93 -1.32 -0.26 -6.04
N VAL B 94 -2.57 -0.61 -5.76
CA VAL B 94 -3.37 -1.52 -6.61
C VAL B 94 -4.56 -0.72 -7.13
N PHE B 95 -4.74 -0.71 -8.44
CA PHE B 95 -5.72 0.20 -9.03
C PHE B 95 -6.24 -0.41 -10.31
N THR B 96 -7.37 0.12 -10.79
CA THR B 96 -7.94 -0.24 -12.07
C THR B 96 -7.63 0.84 -13.10
N ALA B 97 -7.02 0.44 -14.22
CA ALA B 97 -6.88 1.32 -15.36
C ALA B 97 -8.14 1.27 -16.19
N ASN B 98 -8.74 2.43 -16.47
CA ASN B 98 -10.04 2.53 -17.11
C ASN B 98 -9.93 3.43 -18.34
N ASP B 99 -10.30 2.89 -19.49
CA ASP B 99 -10.18 3.62 -20.76
C ASP B 99 -11.48 4.35 -21.03
N SER B 100 -11.63 5.48 -20.34
CA SER B 100 -12.71 6.42 -20.66
C SER B 100 -12.30 7.37 -21.77
N GLY B 101 -11.03 7.76 -21.79
CA GLY B 101 -10.50 8.65 -22.80
C GLY B 101 -8.99 8.62 -22.83
N PRO B 102 -8.38 9.62 -23.47
CA PRO B 102 -6.91 9.70 -23.48
C PRO B 102 -6.35 10.06 -22.11
N ARG B 103 -5.90 9.07 -21.34
CA ARG B 103 -5.50 9.27 -19.96
C ARG B 103 -4.05 8.84 -19.74
N ARG B 104 -3.33 9.65 -18.96
CA ARG B 104 -2.01 9.32 -18.45
C ARG B 104 -2.07 9.21 -16.93
N TYR B 105 -1.39 8.21 -16.38
CA TYR B 105 -1.41 7.93 -14.94
C TYR B 105 -0.04 8.25 -14.36
N THR B 106 -0.02 9.05 -13.29
CA THR B 106 1.18 9.26 -12.49
C THR B 106 0.88 8.73 -11.10
N ILE B 107 1.67 7.77 -10.65
CA ILE B 107 1.54 7.25 -9.29
C ILE B 107 2.63 7.93 -8.48
N ALA B 108 2.25 8.75 -7.50
CA ALA B 108 3.21 9.45 -6.68
C ALA B 108 3.19 8.86 -5.27
N ALA B 109 4.37 8.70 -4.68
CA ALA B 109 4.46 8.13 -3.34
C ALA B 109 5.39 8.99 -2.51
N LEU B 110 5.01 9.26 -1.27
CA LEU B 110 5.83 10.02 -0.33
C LEU B 110 6.18 9.09 0.81
N LEU B 111 7.49 8.94 1.09
CA LEU B 111 7.96 7.88 1.96
C LEU B 111 8.53 8.43 3.26
N SER B 112 8.13 7.83 4.39
CA SER B 112 8.81 7.95 5.67
C SER B 112 9.07 6.56 6.21
N PRO B 113 9.93 6.43 7.22
CA PRO B 113 10.25 5.07 7.70
C PRO B 113 9.04 4.28 8.21
N TYR B 114 8.07 4.92 8.85
CA TYR B 114 6.91 4.21 9.39
C TYR B 114 5.61 4.61 8.72
N SER B 115 5.69 5.27 7.57
CA SER B 115 4.47 5.76 6.95
CA SER B 115 4.48 5.77 6.94
C SER B 115 4.73 5.98 5.47
N TYR B 116 3.67 5.89 4.68
CA TYR B 116 3.78 6.40 3.33
C TYR B 116 2.40 6.86 2.87
N SER B 117 2.41 7.75 1.89
CA SER B 117 1.19 8.18 1.25
C SER B 117 1.35 8.04 -0.26
N THR B 118 0.24 7.87 -0.94
CA THR B 118 0.35 7.71 -2.37
C THR B 118 -0.86 8.38 -2.98
N THR B 119 -0.68 8.92 -4.17
CA THR B 119 -1.77 9.57 -4.87
C THR B 119 -1.66 9.22 -6.33
N ALA B 120 -2.78 9.27 -7.03
CA ALA B 120 -2.82 9.04 -8.46
C ALA B 120 -3.23 10.34 -9.09
N VAL B 121 -2.46 10.78 -10.08
CA VAL B 121 -2.77 11.97 -10.86
C VAL B 121 -3.06 11.46 -12.27
N VAL B 122 -4.28 11.64 -12.73
CA VAL B 122 -4.73 11.11 -14.02
C VAL B 122 -5.08 12.32 -14.89
N THR B 123 -4.40 12.45 -16.03
CA THR B 123 -4.47 13.65 -16.86
C THR B 123 -4.56 13.24 -18.33
N ASN B 124 -4.62 14.26 -19.19
CA ASN B 124 -4.65 14.06 -20.64
C ASN B 124 -3.39 14.61 -21.29
C02 A1IC9 C . -6.31 7.63 15.48
C04 A1IC9 C . -5.14 6.81 15.97
C05 A1IC9 C . -5.31 5.75 16.85
C06 A1IC9 C . -4.21 5.02 17.28
C07 A1IC9 C . -2.94 5.36 16.82
C08 A1IC9 C . -2.77 6.42 15.94
C09 A1IC9 C . -3.88 7.14 15.51
C10 A1IC9 C . -3.72 8.31 14.55
C13 A1IC9 C . -4.06 9.24 11.43
C14 A1IC9 C . -3.56 10.29 10.44
C15 A1IC9 C . -3.64 11.63 10.78
C16 A1IC9 C . -3.19 12.61 9.90
C17 A1IC9 C . -2.67 12.23 8.67
C18 A1IC9 C . -2.58 10.89 8.34
C19 A1IC9 C . -3.03 9.92 9.22
C20 A1IC9 C . -2.94 8.43 8.84
F21 A1IC9 C . -2.17 7.79 9.78
F22 A1IC9 C . -2.33 8.28 7.63
F23 A1IC9 C . -4.18 7.89 8.78
N11 A1IC9 C . -3.35 8.15 13.36
O01 A1IC9 C . -7.03 8.25 16.31
O03 A1IC9 C . -6.54 7.73 14.23
O12 A1IC9 C . -3.22 9.28 12.55
H051 A1IC9 C . -6.30 5.50 17.21
H061 A1IC9 C . -4.33 4.21 17.97
H071 A1IC9 C . -2.08 4.79 17.15
H081 A1IC9 C . -1.79 6.68 15.58
H101 A1IC9 C . -3.95 9.31 14.90
H131 A1IC9 C . -4.03 8.26 10.98
H132 A1IC9 C . -5.08 9.46 11.73
H151 A1IC9 C . -4.05 11.93 11.74
H161 A1IC9 C . -3.25 13.66 10.17
H171 A1IC9 C . -2.31 12.99 7.98
H181 A1IC9 C . -2.18 10.59 7.38
C02 A1IC9 D . 3.54 14.54 -9.25
C04 A1IC9 D . 4.83 15.31 -8.95
C05 A1IC9 D . 5.70 15.58 -10.01
C06 A1IC9 D . 6.88 16.27 -9.77
C07 A1IC9 D . 7.20 16.69 -8.49
C08 A1IC9 D . 6.33 16.42 -7.44
C09 A1IC9 D . 5.15 15.73 -7.67
C10 A1IC9 D . 4.21 15.45 -6.50
C13 A1IC9 D . 4.29 13.97 -3.35
C14 A1IC9 D . 3.17 13.21 -2.66
C15 A1IC9 D . 2.94 11.89 -3.03
C16 A1IC9 D . 1.91 11.17 -2.44
C17 A1IC9 D . 1.13 11.76 -1.48
C18 A1IC9 D . 1.36 13.08 -1.11
C19 A1IC9 D . 2.38 13.81 -1.69
C20 A1IC9 D . 2.60 15.28 -1.28
F21 A1IC9 D . 2.43 16.05 -2.40
F22 A1IC9 D . 1.67 15.64 -0.35
F23 A1IC9 D . 3.84 15.52 -0.76
N11 A1IC9 D . 4.61 14.84 -5.48
O01 A1IC9 D . 3.03 13.79 -8.38
O03 A1IC9 D . 2.98 14.66 -10.37
O12 A1IC9 D . 3.71 14.61 -4.45
H051 A1IC9 D . 5.46 15.25 -11.00
H061 A1IC9 D . 7.56 16.48 -10.59
H071 A1IC9 D . 8.12 17.23 -8.31
H081 A1IC9 D . 6.58 16.75 -6.44
H101 A1IC9 D . 3.18 15.77 -6.55
H131 A1IC9 D . 5.07 13.29 -3.68
H132 A1IC9 D . 4.73 14.71 -2.67
H151 A1IC9 D . 3.56 11.42 -3.79
H161 A1IC9 D . 1.74 10.13 -2.73
H171 A1IC9 D . 0.32 11.21 -1.02
H181 A1IC9 D . 0.73 13.55 -0.36
#